data_7V1E
#
_entry.id   7V1E
#
_cell.length_a   35.073
_cell.length_b   90.396
_cell.length_c   45.366
_cell.angle_alpha   90.000
_cell.angle_beta   90.770
_cell.angle_gamma   90.000
#
_symmetry.space_group_name_H-M   'P 1 21 1'
#
loop_
_entity.id
_entity.type
_entity.pdbx_description
1 polymer 'Core protein'
2 non-polymer GLYCEROL
3 non-polymer S-ADENOSYL-L-HOMOCYSTEINE
4 non-polymer "7-METHYL-GUANOSINE-5'-TRIPHOSPHATE-5'-(2'-O-METHYL)-ADENOSINE"
5 non-polymer "GUANOSINE-5'-MONOPHOSPHATE"
6 water water
#
_entity_poly.entity_id   1
_entity_poly.type   'polypeptide(L)'
_entity_poly.pdbx_seq_one_letter_code
;MTLGDLWKRRLNNCTKEEFFAYRRTGILETERDKARELLRKGETNMGLAVSRGTAKLAWLEERGYVNLKGEVVDLGCGRG
GWSYYAASRPAVMGVKAYTIGGKGHEAPKMVTSLGWNLIKFRAGMDVFTMQPHRADTVMCDIGESSPDAAIEGERTRKVI
LLMEQWKNRNPSASCVFKVLAPYRPEVIEALHRFQLQWGGGLVRTPFSRNSTHEMYYSTAISGNIVNSVNVQSRKLLARF
GDQRGPIRVPEMDLGVGTRHHHHHH
;
_entity_poly.pdbx_strand_id   A
#
# COMPACT_ATOMS: atom_id res chain seq x y z
N MET A 1 -23.53 8.09 8.84
CA MET A 1 -22.53 7.19 9.38
C MET A 1 -22.53 5.82 8.68
N THR A 2 -21.35 5.29 8.38
CA THR A 2 -21.21 4.02 7.66
C THR A 2 -20.82 2.90 8.62
N LEU A 3 -20.86 1.67 8.09
CA LEU A 3 -20.43 0.52 8.88
C LEU A 3 -18.95 0.64 9.25
N GLY A 4 -18.13 1.19 8.34
CA GLY A 4 -16.73 1.35 8.67
C GLY A 4 -16.49 2.41 9.73
N ASP A 5 -17.33 3.46 9.76
CA ASP A 5 -17.26 4.43 10.84
C ASP A 5 -17.50 3.76 12.18
N LEU A 6 -18.52 2.89 12.23
CA LEU A 6 -18.79 2.10 13.42
C LEU A 6 -17.64 1.17 13.77
N TRP A 7 -17.05 0.53 12.75
CA TRP A 7 -15.87 -0.31 12.99
C TRP A 7 -14.75 0.49 13.66
N LYS A 8 -14.50 1.70 13.19
CA LYS A 8 -13.43 2.50 13.78
C LYS A 8 -13.74 2.85 15.24
N ARG A 9 -15.00 3.16 15.55
CA ARG A 9 -15.39 3.44 16.94
C ARG A 9 -15.23 2.20 17.80
N ARG A 10 -15.69 1.04 17.30
CA ARG A 10 -15.53 -0.17 18.07
C ARG A 10 -14.05 -0.50 18.30
N LEU A 11 -13.21 -0.33 17.26
CA LEU A 11 -11.77 -0.50 17.44
C LEU A 11 -11.24 0.39 18.55
N ASN A 12 -11.54 1.69 18.51
CA ASN A 12 -11.02 2.59 19.53
C ASN A 12 -11.58 2.26 20.92
N ASN A 13 -12.69 1.53 20.99
CA ASN A 13 -13.26 1.21 22.27
C ASN A 13 -12.65 -0.06 22.89
N CYS A 14 -11.86 -0.79 22.12
CA CYS A 14 -11.23 -2.01 22.60
C CYS A 14 -10.30 -1.72 23.77
N THR A 15 -10.32 -2.61 24.77
CA THR A 15 -9.22 -2.62 25.73
C THR A 15 -7.93 -3.02 25.03
N LYS A 16 -6.79 -2.85 25.72
CA LYS A 16 -5.50 -3.17 25.13
C LYS A 16 -5.44 -4.63 24.70
N GLU A 17 -5.85 -5.53 25.60
CA GLU A 17 -5.81 -6.96 25.26
C GLU A 17 -6.76 -7.27 24.11
N GLU A 18 -7.97 -6.70 24.14
CA GLU A 18 -8.90 -6.86 23.03
C GLU A 18 -8.27 -6.35 21.73
N PHE A 19 -7.62 -5.19 21.79
CA PHE A 19 -7.04 -4.59 20.59
C PHE A 19 -5.98 -5.50 19.98
N PHE A 20 -5.07 -6.02 20.80
CA PHE A 20 -3.96 -6.79 20.24
C PHE A 20 -4.41 -8.14 19.70
N ALA A 21 -5.41 -8.77 20.32
CA ALA A 21 -5.92 -10.01 19.75
C ALA A 21 -6.65 -9.77 18.44
N TYR A 22 -7.37 -8.65 18.33
CA TYR A 22 -8.14 -8.36 17.13
C TYR A 22 -7.22 -8.05 15.97
N ARG A 23 -6.13 -7.37 16.28
CA ARG A 23 -5.27 -6.75 15.28
C ARG A 23 -4.79 -7.75 14.23
N ARG A 24 -4.51 -8.96 14.65
CA ARG A 24 -3.80 -9.93 13.83
C ARG A 24 -4.58 -11.21 13.58
N THR A 25 -5.82 -11.32 14.07
CA THR A 25 -6.57 -12.57 13.93
C THR A 25 -6.91 -12.84 12.46
N GLY A 26 -6.49 -14.03 11.99
CA GLY A 26 -6.84 -14.48 10.67
C GLY A 26 -6.05 -13.88 9.53
N ILE A 27 -5.05 -13.06 9.81
CA ILE A 27 -4.35 -12.36 8.74
C ILE A 27 -3.10 -13.14 8.33
N LEU A 28 -2.72 -12.97 7.07
CA LEU A 28 -1.46 -13.53 6.58
C LEU A 28 -0.33 -12.63 7.08
N GLU A 29 0.75 -13.24 7.56
CA GLU A 29 1.89 -12.48 8.08
C GLU A 29 3.17 -13.11 7.58
N THR A 30 4.02 -12.33 6.91
CA THR A 30 5.27 -12.89 6.45
C THR A 30 6.23 -13.07 7.62
N GLU A 31 7.09 -14.07 7.51
CA GLU A 31 8.06 -14.36 8.56
C GLU A 31 9.31 -13.53 8.34
N ARG A 32 9.50 -12.50 9.18
CA ARG A 32 10.53 -11.49 8.95
C ARG A 32 11.70 -11.61 9.90
N ASP A 33 11.82 -12.71 10.63
CA ASP A 33 12.86 -12.77 11.66
C ASP A 33 14.27 -12.73 11.04
N LYS A 34 14.48 -13.40 9.89
CA LYS A 34 15.78 -13.25 9.23
C LYS A 34 15.93 -11.88 8.60
N ALA A 35 14.90 -11.43 7.87
CA ALA A 35 14.97 -10.15 7.18
C ALA A 35 15.25 -9.00 8.14
N ARG A 36 14.53 -8.98 9.28
CA ARG A 36 14.65 -7.93 10.27
C ARG A 36 16.08 -7.77 10.77
N GLU A 37 16.73 -8.89 11.07
CA GLU A 37 18.08 -8.80 11.61
C GLU A 37 19.10 -8.44 10.55
N LEU A 38 18.91 -8.90 9.30
CA LEU A 38 19.81 -8.47 8.24
C LEU A 38 19.76 -6.96 8.06
N LEU A 39 18.56 -6.39 8.05
CA LEU A 39 18.42 -4.94 7.93
C LEU A 39 19.00 -4.23 9.14
N ARG A 40 18.82 -4.81 10.32
CA ARG A 40 19.33 -4.16 11.52
C ARG A 40 20.84 -4.13 11.53
N LYS A 41 21.49 -5.21 11.12
CA LYS A 41 22.95 -5.23 11.10
C LYS A 41 23.53 -4.50 9.90
N GLY A 42 22.70 -4.00 8.99
CA GLY A 42 23.19 -3.23 7.85
C GLY A 42 23.70 -4.04 6.68
N GLU A 43 23.24 -5.29 6.53
CA GLU A 43 23.63 -6.09 5.38
C GLU A 43 22.98 -5.50 4.13
N THR A 44 23.79 -5.13 3.14
CA THR A 44 23.20 -4.58 1.91
C THR A 44 22.99 -5.64 0.85
N ASN A 45 23.68 -6.79 0.93
CA ASN A 45 23.49 -7.84 -0.07
C ASN A 45 22.36 -8.76 0.38
N MET A 46 21.14 -8.34 0.14
CA MET A 46 20.02 -9.18 0.52
C MET A 46 18.87 -8.94 -0.45
N GLY A 47 18.09 -9.99 -0.69
CA GLY A 47 16.89 -9.90 -1.51
C GLY A 47 15.61 -10.11 -0.73
N LEU A 48 15.73 -10.45 0.55
CA LEU A 48 14.53 -10.51 1.37
C LEU A 48 13.88 -9.13 1.42
N ALA A 49 12.56 -9.11 1.46
CA ALA A 49 11.81 -7.86 1.46
C ALA A 49 12.29 -6.93 2.56
N VAL A 50 12.45 -5.63 2.22
CA VAL A 50 12.83 -4.62 3.20
C VAL A 50 11.66 -4.16 4.07
N SER A 51 10.45 -4.59 3.77
CA SER A 51 9.27 -4.24 4.57
C SER A 51 8.15 -5.24 4.27
N ARG A 52 7.08 -5.12 5.07
CA ARG A 52 5.87 -5.90 4.82
C ARG A 52 5.08 -5.39 3.60
N GLY A 53 5.50 -4.29 2.98
CA GLY A 53 4.79 -3.83 1.80
C GLY A 53 5.02 -4.69 0.58
N THR A 54 6.20 -5.33 0.49
CA THR A 54 6.54 -6.10 -0.70
C THR A 54 5.53 -7.21 -0.97
N ALA A 55 5.21 -8.01 0.05
CA ALA A 55 4.26 -9.10 -0.17
C ALA A 55 2.88 -8.60 -0.59
N LYS A 56 2.48 -7.41 -0.14
CA LYS A 56 1.18 -6.88 -0.52
C LYS A 56 1.14 -6.56 -2.02
N LEU A 57 2.16 -5.89 -2.53
CA LEU A 57 2.17 -5.59 -3.95
C LEU A 57 2.32 -6.87 -4.77
N ALA A 58 3.13 -7.81 -4.27
CA ALA A 58 3.29 -9.10 -4.94
C ALA A 58 1.96 -9.81 -5.08
N TRP A 59 1.15 -9.77 -4.01
CA TRP A 59 -0.17 -10.39 -4.07
C TRP A 59 -1.04 -9.73 -5.12
N LEU A 60 -1.03 -8.39 -5.17
CA LEU A 60 -1.83 -7.68 -6.17
C LEU A 60 -1.42 -8.07 -7.58
N GLU A 61 -0.11 -8.18 -7.82
N GLU A 61 -0.11 -8.18 -7.82
CA GLU A 61 0.37 -8.53 -9.16
CA GLU A 61 0.36 -8.53 -9.16
C GLU A 61 0.04 -9.98 -9.50
C GLU A 61 0.07 -9.99 -9.51
N GLU A 62 0.30 -10.91 -8.57
CA GLU A 62 0.07 -12.32 -8.86
C GLU A 62 -1.41 -12.61 -9.09
N ARG A 63 -2.29 -11.88 -8.43
CA ARG A 63 -3.72 -12.01 -8.69
C ARG A 63 -4.13 -11.42 -10.03
N GLY A 64 -3.24 -10.67 -10.67
CA GLY A 64 -3.63 -9.94 -11.86
C GLY A 64 -4.38 -8.66 -11.60
N TYR A 65 -4.31 -8.14 -10.37
CA TYR A 65 -5.00 -6.90 -10.05
C TYR A 65 -4.18 -5.66 -10.35
N VAL A 66 -2.87 -5.78 -10.57
CA VAL A 66 -2.03 -4.70 -11.08
C VAL A 66 -1.12 -5.29 -12.14
N ASN A 67 -0.69 -4.47 -13.09
CA ASN A 67 0.27 -4.93 -14.09
C ASN A 67 1.40 -3.92 -14.19
N LEU A 68 2.46 -4.20 -13.44
CA LEU A 68 3.57 -3.27 -13.27
C LEU A 68 4.43 -3.30 -14.53
N LYS A 69 4.59 -2.16 -15.19
CA LYS A 69 5.36 -2.19 -16.43
C LYS A 69 5.92 -0.82 -16.78
N GLY A 70 6.97 -0.84 -17.61
CA GLY A 70 7.51 0.39 -18.16
C GLY A 70 8.23 1.24 -17.11
N GLU A 71 8.06 2.56 -17.24
CA GLU A 71 8.61 3.52 -16.28
C GLU A 71 7.65 3.63 -15.10
N VAL A 72 8.09 3.21 -13.92
CA VAL A 72 7.25 3.16 -12.73
C VAL A 72 7.64 4.31 -11.82
N VAL A 73 6.65 4.96 -11.21
N VAL A 73 6.65 4.92 -11.16
CA VAL A 73 6.90 5.90 -10.12
CA VAL A 73 6.89 5.93 -10.13
C VAL A 73 6.31 5.31 -8.83
C VAL A 73 6.29 5.40 -8.83
N ASP A 74 7.06 5.45 -7.75
CA ASP A 74 6.63 4.99 -6.42
C ASP A 74 6.55 6.24 -5.55
N LEU A 75 5.34 6.72 -5.32
CA LEU A 75 5.10 7.95 -4.56
C LEU A 75 4.90 7.57 -3.08
N GLY A 76 5.84 7.99 -2.24
CA GLY A 76 5.80 7.65 -0.82
C GLY A 76 6.42 6.30 -0.63
N CYS A 77 7.68 6.14 -1.04
CA CYS A 77 8.24 4.80 -1.11
C CYS A 77 8.63 4.27 0.26
N GLY A 78 8.84 5.15 1.24
CA GLY A 78 9.30 4.68 2.56
C GLY A 78 10.58 3.86 2.43
N ARG A 79 10.61 2.70 3.10
CA ARG A 79 11.79 1.84 3.03
C ARG A 79 12.05 1.29 1.63
N GLY A 80 11.03 1.23 0.78
CA GLY A 80 11.22 0.83 -0.60
C GLY A 80 10.64 -0.52 -1.00
N GLY A 81 9.80 -1.14 -0.16
CA GLY A 81 9.33 -2.50 -0.47
C GLY A 81 8.62 -2.60 -1.80
N TRP A 82 7.86 -1.56 -2.17
CA TRP A 82 7.21 -1.57 -3.48
C TRP A 82 8.21 -1.27 -4.59
N SER A 83 9.18 -0.40 -4.34
CA SER A 83 10.14 -0.05 -5.37
C SER A 83 11.00 -1.25 -5.73
N TYR A 84 11.47 -1.99 -4.72
CA TYR A 84 12.25 -3.18 -5.00
C TYR A 84 11.39 -4.25 -5.67
N TYR A 85 10.11 -4.39 -5.27
CA TYR A 85 9.28 -5.38 -5.96
C TYR A 85 9.18 -5.04 -7.43
N ALA A 86 8.89 -3.78 -7.72
CA ALA A 86 8.72 -3.35 -9.11
C ALA A 86 10.01 -3.55 -9.91
N ALA A 87 11.14 -3.17 -9.31
CA ALA A 87 12.42 -3.27 -10.02
C ALA A 87 12.77 -4.70 -10.37
N SER A 88 12.25 -5.67 -9.62
CA SER A 88 12.53 -7.07 -9.93
C SER A 88 11.65 -7.61 -11.04
N ARG A 89 10.63 -6.85 -11.49
CA ARG A 89 9.70 -7.36 -12.50
C ARG A 89 10.27 -7.14 -13.88
N PRO A 90 10.37 -8.20 -14.71
CA PRO A 90 10.97 -8.05 -16.05
C PRO A 90 10.31 -6.99 -16.93
N ALA A 91 9.00 -6.79 -16.80
CA ALA A 91 8.31 -5.79 -17.62
C ALA A 91 8.64 -4.36 -17.20
N VAL A 92 9.27 -4.16 -16.04
CA VAL A 92 9.57 -2.82 -15.55
C VAL A 92 10.95 -2.42 -16.04
N MET A 93 11.06 -1.20 -16.58
CA MET A 93 12.30 -0.71 -17.15
C MET A 93 13.03 0.23 -16.21
N GLY A 94 12.34 0.82 -15.24
CA GLY A 94 12.92 1.81 -14.37
C GLY A 94 11.93 2.21 -13.30
N VAL A 95 12.44 2.63 -12.14
CA VAL A 95 11.60 3.06 -11.02
C VAL A 95 12.15 4.38 -10.52
N LYS A 96 11.28 5.37 -10.39
CA LYS A 96 11.61 6.62 -9.72
C LYS A 96 10.81 6.64 -8.41
N ALA A 97 11.52 6.55 -7.30
CA ALA A 97 10.95 6.37 -5.96
C ALA A 97 11.17 7.64 -5.15
N TYR A 98 10.12 8.12 -4.49
CA TYR A 98 10.19 9.39 -3.79
C TYR A 98 9.64 9.21 -2.39
N THR A 99 10.30 9.77 -1.37
CA THR A 99 9.68 9.73 -0.05
C THR A 99 10.17 10.91 0.78
N ILE A 100 9.33 11.31 1.75
CA ILE A 100 9.60 12.52 2.54
C ILE A 100 10.76 12.29 3.52
N GLY A 101 10.83 11.10 4.12
CA GLY A 101 11.87 10.92 5.12
C GLY A 101 11.63 11.82 6.33
N GLY A 102 12.71 12.17 7.03
CA GLY A 102 12.58 13.08 8.14
C GLY A 102 12.22 12.35 9.43
N LYS A 103 11.82 13.11 10.45
CA LYS A 103 11.63 12.55 11.79
C LYS A 103 10.31 11.79 11.85
N GLY A 104 10.38 10.53 12.26
CA GLY A 104 9.20 9.70 12.34
C GLY A 104 8.83 9.00 11.05
N HIS A 105 9.60 9.19 9.99
CA HIS A 105 9.30 8.61 8.69
C HIS A 105 10.46 7.73 8.24
N GLU A 106 10.14 6.71 7.44
CA GLU A 106 11.14 5.76 6.99
C GLU A 106 11.89 6.29 5.77
N ALA A 107 13.17 6.18 5.82
CA ALA A 107 14.04 6.43 4.69
C ALA A 107 14.20 5.15 3.89
N PRO A 108 14.58 5.26 2.61
CA PRO A 108 14.82 4.05 1.81
C PRO A 108 15.90 3.16 2.41
N LYS A 109 15.60 1.86 2.44
CA LYS A 109 16.62 0.87 2.73
C LYS A 109 17.40 0.58 1.47
N MET A 110 18.73 0.65 1.53
CA MET A 110 19.61 0.42 0.38
C MET A 110 20.17 -0.99 0.41
N VAL A 111 19.68 -1.81 -0.53
CA VAL A 111 20.09 -3.20 -0.69
C VAL A 111 20.27 -3.49 -2.17
N THR A 112 20.89 -4.65 -2.46
CA THR A 112 21.14 -5.13 -3.82
C THR A 112 20.05 -6.06 -4.36
N SER A 113 18.84 -5.98 -3.81
CA SER A 113 17.69 -6.74 -4.29
C SER A 113 17.55 -6.60 -5.80
N LEU A 114 17.17 -7.69 -6.46
CA LEU A 114 17.28 -7.78 -7.93
C LEU A 114 16.68 -6.55 -8.63
N GLY A 115 17.49 -5.90 -9.46
CA GLY A 115 17.03 -4.73 -10.19
C GLY A 115 17.23 -3.42 -9.48
N TRP A 116 17.92 -3.41 -8.34
CA TRP A 116 18.12 -2.20 -7.55
C TRP A 116 18.73 -1.09 -8.37
N ASN A 117 19.54 -1.44 -9.37
CA ASN A 117 20.22 -0.43 -10.17
C ASN A 117 19.26 0.35 -11.06
N LEU A 118 18.05 -0.16 -11.26
CA LEU A 118 17.03 0.51 -12.04
C LEU A 118 16.22 1.50 -11.21
N ILE A 119 16.47 1.59 -9.90
CA ILE A 119 15.74 2.50 -9.00
C ILE A 119 16.54 3.76 -8.77
N LYS A 120 15.88 4.90 -8.92
CA LYS A 120 16.43 6.19 -8.51
C LYS A 120 15.63 6.63 -7.28
N PHE A 121 16.24 6.57 -6.10
CA PHE A 121 15.62 6.97 -4.85
C PHE A 121 15.86 8.47 -4.63
N ARG A 122 14.81 9.19 -4.26
CA ARG A 122 14.94 10.60 -3.82
C ARG A 122 14.22 10.74 -2.50
N ALA A 123 14.97 10.84 -1.40
CA ALA A 123 14.43 11.11 -0.09
C ALA A 123 14.31 12.62 0.12
N GLY A 124 13.57 13.00 1.17
CA GLY A 124 13.33 14.41 1.42
C GLY A 124 12.42 15.08 0.43
N MET A 125 11.62 14.31 -0.31
CA MET A 125 10.74 14.86 -1.35
C MET A 125 9.29 14.71 -0.91
N ASP A 126 8.56 15.81 -0.90
CA ASP A 126 7.11 15.78 -0.70
C ASP A 126 6.43 15.57 -2.04
N VAL A 127 5.71 14.46 -2.17
CA VAL A 127 5.10 14.18 -3.47
C VAL A 127 3.85 15.02 -3.71
N PHE A 128 3.23 15.54 -2.65
CA PHE A 128 1.98 16.27 -2.84
C PHE A 128 2.19 17.62 -3.51
N THR A 129 3.40 18.17 -3.47
CA THR A 129 3.73 19.41 -4.17
C THR A 129 4.69 19.20 -5.33
N MET A 130 5.03 17.96 -5.65
CA MET A 130 5.88 17.65 -6.80
C MET A 130 5.11 17.66 -8.11
N GLN A 131 5.71 18.26 -9.14
CA GLN A 131 5.06 18.25 -10.44
C GLN A 131 5.10 16.83 -11.01
N PRO A 132 3.98 16.30 -11.49
CA PRO A 132 4.01 14.96 -12.13
C PRO A 132 4.83 14.98 -13.41
N HIS A 133 5.37 13.82 -13.75
CA HIS A 133 6.11 13.65 -14.98
C HIS A 133 5.64 12.36 -15.66
N ARG A 134 6.23 12.04 -16.82
CA ARG A 134 5.77 10.87 -17.56
C ARG A 134 6.00 9.60 -16.77
N ALA A 135 5.04 8.69 -16.84
CA ALA A 135 5.15 7.39 -16.21
C ALA A 135 4.16 6.43 -16.88
N ASP A 136 4.56 5.17 -16.98
CA ASP A 136 3.63 4.14 -17.40
C ASP A 136 2.83 3.53 -16.26
N THR A 137 3.45 3.41 -15.08
CA THR A 137 2.81 2.84 -13.91
C THR A 137 3.00 3.84 -12.76
N VAL A 138 1.91 4.18 -12.07
CA VAL A 138 1.96 5.09 -10.92
C VAL A 138 1.53 4.31 -9.68
N MET A 139 2.43 4.23 -8.69
CA MET A 139 2.15 3.50 -7.46
C MET A 139 2.15 4.52 -6.30
N CYS A 140 1.28 4.33 -5.30
CA CYS A 140 1.31 5.20 -4.13
C CYS A 140 0.79 4.46 -2.89
N ASP A 141 1.65 4.27 -1.91
CA ASP A 141 1.28 3.51 -0.72
C ASP A 141 1.19 4.42 0.52
N ILE A 142 0.74 5.64 0.30
CA ILE A 142 0.66 6.66 1.36
C ILE A 142 -0.67 6.54 2.09
N GLY A 143 -0.60 6.65 3.41
CA GLY A 143 -1.78 6.81 4.23
C GLY A 143 -1.44 6.42 5.65
N GLU A 144 -1.15 7.41 6.48
CA GLU A 144 -0.76 7.17 7.86
C GLU A 144 -2.00 7.01 8.74
N SER A 145 -2.06 5.90 9.48
CA SER A 145 -3.15 5.67 10.41
C SER A 145 -3.26 6.81 11.42
N SER A 146 -4.49 7.03 11.90
CA SER A 146 -4.84 7.99 12.94
C SER A 146 -6.02 7.43 13.71
N PRO A 147 -6.04 7.56 15.03
CA PRO A 147 -7.28 7.21 15.77
C PRO A 147 -8.46 8.07 15.38
N ASP A 148 -8.21 9.21 14.76
CA ASP A 148 -9.23 10.15 14.34
C ASP A 148 -9.63 9.79 12.90
N ALA A 149 -10.84 9.26 12.75
CA ALA A 149 -11.33 8.83 11.45
C ALA A 149 -11.40 9.99 10.45
N ALA A 150 -11.68 11.21 10.93
CA ALA A 150 -11.74 12.34 10.01
C ALA A 150 -10.37 12.70 9.48
N ILE A 151 -9.32 12.54 10.29
CA ILE A 151 -7.96 12.74 9.79
C ILE A 151 -7.62 11.65 8.78
N GLU A 152 -7.97 10.38 9.07
CA GLU A 152 -7.69 9.33 8.09
C GLU A 152 -8.43 9.59 6.79
N GLY A 153 -9.63 10.16 6.88
CA GLY A 153 -10.37 10.49 5.67
C GLY A 153 -9.69 11.60 4.86
N GLU A 154 -9.17 12.63 5.55
CA GLU A 154 -8.53 13.73 4.83
C GLU A 154 -7.20 13.29 4.23
N ARG A 155 -6.45 12.47 4.96
CA ARG A 155 -5.21 11.91 4.41
C ARG A 155 -5.51 11.10 3.16
N THR A 156 -6.60 10.33 3.17
CA THR A 156 -6.97 9.53 2.01
C THR A 156 -7.39 10.41 0.85
N ARG A 157 -8.17 11.47 1.13
CA ARG A 157 -8.57 12.39 0.08
C ARG A 157 -7.34 13.01 -0.61
N LYS A 158 -6.29 13.33 0.15
CA LYS A 158 -5.08 13.91 -0.45
C LYS A 158 -4.40 12.92 -1.38
N VAL A 159 -4.43 11.63 -1.06
CA VAL A 159 -3.84 10.63 -1.95
C VAL A 159 -4.65 10.53 -3.24
N ILE A 160 -5.97 10.51 -3.15
CA ILE A 160 -6.77 10.44 -4.37
C ILE A 160 -6.56 11.68 -5.25
N LEU A 161 -6.47 12.87 -4.65
CA LEU A 161 -6.18 14.07 -5.43
C LEU A 161 -4.82 13.97 -6.11
N LEU A 162 -3.84 13.41 -5.41
CA LEU A 162 -2.53 13.18 -6.01
C LEU A 162 -2.63 12.24 -7.20
N MET A 163 -3.45 11.21 -7.08
CA MET A 163 -3.57 10.26 -8.20
C MET A 163 -4.29 10.90 -9.37
N GLU A 164 -5.25 11.79 -9.10
CA GLU A 164 -5.89 12.51 -10.20
C GLU A 164 -4.89 13.37 -10.96
N GLN A 165 -3.95 14.00 -10.24
CA GLN A 165 -2.94 14.84 -10.87
C GLN A 165 -2.01 14.01 -11.76
N TRP A 166 -1.64 12.81 -11.29
CA TRP A 166 -0.75 11.97 -12.07
C TRP A 166 -1.47 11.33 -13.25
N LYS A 167 -2.77 11.06 -13.10
CA LYS A 167 -3.56 10.61 -14.24
C LYS A 167 -3.81 11.76 -15.22
N ASN A 168 -3.91 12.99 -14.73
CA ASN A 168 -4.01 14.12 -15.66
C ASN A 168 -2.78 14.21 -16.55
N ARG A 169 -1.60 14.00 -15.96
CA ARG A 169 -0.36 14.02 -16.75
C ARG A 169 -0.25 12.77 -17.62
N ASN A 170 -0.72 11.63 -17.12
CA ASN A 170 -0.54 10.33 -17.75
C ASN A 170 -1.88 9.63 -17.82
N PRO A 171 -2.75 10.05 -18.74
CA PRO A 171 -4.10 9.47 -18.79
C PRO A 171 -4.11 7.97 -19.04
N SER A 172 -3.08 7.42 -19.68
CA SER A 172 -3.04 6.01 -19.97
C SER A 172 -2.29 5.20 -18.94
N ALA A 173 -1.76 5.83 -17.89
CA ALA A 173 -0.94 5.08 -16.94
C ALA A 173 -1.79 4.13 -16.11
N SER A 174 -1.25 2.96 -15.80
CA SER A 174 -1.88 2.16 -14.77
C SER A 174 -1.58 2.77 -13.40
N CYS A 175 -2.55 2.65 -12.49
CA CYS A 175 -2.46 3.23 -11.16
C CYS A 175 -2.77 2.19 -10.11
N VAL A 176 -1.99 2.18 -9.04
CA VAL A 176 -2.33 1.40 -7.85
C VAL A 176 -2.02 2.24 -6.63
N PHE A 177 -3.00 2.37 -5.73
CA PHE A 177 -2.75 3.24 -4.58
C PHE A 177 -3.50 2.76 -3.36
N LYS A 178 -2.91 3.02 -2.20
CA LYS A 178 -3.57 2.78 -0.92
C LYS A 178 -4.72 3.75 -0.73
N VAL A 179 -5.84 3.22 -0.26
CA VAL A 179 -6.98 4.01 0.19
C VAL A 179 -7.13 3.69 1.67
N LEU A 180 -6.58 4.56 2.52
CA LEU A 180 -6.49 4.28 3.95
C LEU A 180 -7.86 4.13 4.59
N ALA A 181 -8.79 5.04 4.30
CA ALA A 181 -10.09 5.07 4.99
C ALA A 181 -11.20 5.11 3.96
N PRO A 182 -11.47 3.97 3.32
CA PRO A 182 -12.49 3.96 2.26
C PRO A 182 -13.87 4.12 2.82
N TYR A 183 -14.01 4.00 4.14
CA TYR A 183 -15.31 4.04 4.80
C TYR A 183 -15.83 5.46 4.99
N ARG A 184 -15.05 6.48 4.64
CA ARG A 184 -15.45 7.88 4.82
C ARG A 184 -16.18 8.41 3.58
N PRO A 185 -17.25 9.20 3.75
CA PRO A 185 -18.03 9.65 2.57
C PRO A 185 -17.29 10.61 1.64
N GLU A 186 -16.40 11.46 2.15
CA GLU A 186 -15.58 12.28 1.28
C GLU A 186 -14.65 11.42 0.44
N VAL A 187 -14.29 10.25 0.94
CA VAL A 187 -13.42 9.34 0.21
C VAL A 187 -14.20 8.61 -0.86
N ILE A 188 -15.39 8.13 -0.51
CA ILE A 188 -16.29 7.48 -1.47
C ILE A 188 -16.59 8.41 -2.64
N GLU A 189 -16.94 9.66 -2.34
CA GLU A 189 -17.20 10.63 -3.42
C GLU A 189 -15.98 10.79 -4.33
N ALA A 190 -14.79 10.88 -3.76
CA ALA A 190 -13.61 11.07 -4.58
C ALA A 190 -13.28 9.80 -5.39
N LEU A 191 -13.49 8.62 -4.79
CA LEU A 191 -13.25 7.36 -5.50
C LEU A 191 -14.22 7.19 -6.66
N HIS A 192 -15.51 7.50 -6.44
CA HIS A 192 -16.49 7.48 -7.54
C HIS A 192 -16.03 8.33 -8.72
N ARG A 193 -15.64 9.59 -8.44
CA ARG A 193 -15.20 10.48 -9.51
C ARG A 193 -13.98 9.92 -10.23
N PHE A 194 -13.04 9.35 -9.48
CA PHE A 194 -11.90 8.70 -10.12
C PHE A 194 -12.33 7.54 -10.99
N GLN A 195 -13.14 6.63 -10.43
CA GLN A 195 -13.60 5.46 -11.17
C GLN A 195 -14.38 5.85 -12.42
N LEU A 196 -15.13 6.95 -12.36
CA LEU A 196 -15.94 7.33 -13.50
C LEU A 196 -15.08 7.79 -14.67
N GLN A 197 -13.92 8.38 -14.39
CA GLN A 197 -13.04 8.89 -15.43
C GLN A 197 -12.02 7.86 -15.86
N TRP A 198 -11.53 7.03 -14.93
CA TRP A 198 -10.38 6.17 -15.14
C TRP A 198 -10.66 4.69 -15.01
N GLY A 199 -11.86 4.30 -14.60
CA GLY A 199 -12.14 2.91 -14.31
C GLY A 199 -11.44 2.52 -13.02
N GLY A 200 -11.45 1.22 -12.76
CA GLY A 200 -10.76 0.64 -11.61
C GLY A 200 -11.73 0.19 -10.53
N GLY A 201 -11.14 -0.27 -9.42
CA GLY A 201 -11.89 -0.80 -8.30
C GLY A 201 -10.99 -1.05 -7.10
N LEU A 202 -11.62 -1.52 -6.02
CA LEU A 202 -11.00 -1.70 -4.72
C LEU A 202 -10.84 -3.18 -4.37
N VAL A 203 -9.75 -3.49 -3.66
CA VAL A 203 -9.53 -4.84 -3.17
C VAL A 203 -8.77 -4.78 -1.85
N ARG A 204 -9.02 -5.79 -1.02
CA ARG A 204 -8.36 -5.96 0.27
C ARG A 204 -7.28 -7.01 0.14
N THR A 205 -6.01 -6.69 0.59
CA THR A 205 -5.03 -7.74 0.60
C THR A 205 -5.13 -8.52 1.90
N PRO A 206 -4.80 -9.82 1.87
CA PRO A 206 -4.90 -10.65 3.07
C PRO A 206 -3.80 -10.42 4.08
N PHE A 207 -2.84 -9.52 3.76
CA PHE A 207 -1.76 -9.13 4.67
C PHE A 207 -2.10 -7.90 5.51
N SER A 208 -3.17 -7.19 5.19
CA SER A 208 -3.53 -6.00 5.95
C SER A 208 -4.08 -6.42 7.31
N ARG A 209 -3.68 -5.68 8.35
CA ARG A 209 -4.14 -5.97 9.71
C ARG A 209 -5.59 -5.54 9.88
N ASN A 210 -6.29 -6.19 10.83
CA ASN A 210 -7.67 -5.78 11.09
C ASN A 210 -7.76 -4.41 11.75
N SER A 211 -6.66 -3.89 12.27
CA SER A 211 -6.66 -2.57 12.87
C SER A 211 -6.64 -1.43 11.85
N THR A 212 -6.64 -1.75 10.55
CA THR A 212 -6.78 -0.73 9.51
C THR A 212 -7.82 -1.18 8.50
N HIS A 213 -8.55 -0.21 7.97
CA HIS A 213 -9.54 -0.49 6.94
C HIS A 213 -8.95 -0.33 5.53
N GLU A 214 -7.62 -0.23 5.42
CA GLU A 214 -6.99 0.08 4.15
C GLU A 214 -7.43 -0.89 3.05
N MET A 215 -7.67 -0.35 1.87
CA MET A 215 -7.87 -1.16 0.69
C MET A 215 -7.05 -0.53 -0.42
N TYR A 216 -6.84 -1.29 -1.49
CA TYR A 216 -6.00 -0.82 -2.57
C TYR A 216 -6.88 -0.62 -3.81
N TYR A 217 -6.74 0.54 -4.43
CA TYR A 217 -7.39 0.84 -5.69
C TYR A 217 -6.45 0.55 -6.84
N SER A 218 -6.96 -0.11 -7.88
CA SER A 218 -6.18 -0.37 -9.09
C SER A 218 -7.06 -0.13 -10.29
N THR A 219 -6.50 0.57 -11.30
CA THR A 219 -7.18 0.80 -12.57
C THR A 219 -7.44 -0.49 -13.33
N ALA A 220 -6.83 -1.59 -12.91
CA ALA A 220 -6.92 -2.84 -13.65
C ALA A 220 -8.03 -3.77 -13.16
N ILE A 221 -8.72 -3.45 -12.07
CA ILE A 221 -9.86 -4.26 -11.62
C ILE A 221 -11.12 -3.43 -11.75
N SER A 222 -12.24 -3.98 -11.31
CA SER A 222 -13.53 -3.29 -11.40
C SER A 222 -14.29 -3.53 -10.10
N GLY A 223 -15.55 -3.10 -10.07
CA GLY A 223 -16.38 -3.34 -8.92
C GLY A 223 -17.03 -2.10 -8.34
N ASN A 224 -18.30 -2.23 -7.96
CA ASN A 224 -18.98 -1.15 -7.25
C ASN A 224 -18.24 -0.81 -5.95
N ILE A 225 -17.96 0.47 -5.77
CA ILE A 225 -17.10 0.87 -4.65
C ILE A 225 -17.81 0.69 -3.32
N VAL A 226 -19.06 1.16 -3.22
CA VAL A 226 -19.77 1.08 -1.95
C VAL A 226 -19.88 -0.37 -1.48
N ASN A 227 -20.23 -1.28 -2.40
CA ASN A 227 -20.36 -2.68 -2.01
C ASN A 227 -19.01 -3.25 -1.57
N SER A 228 -17.94 -2.91 -2.31
CA SER A 228 -16.61 -3.35 -1.91
C SER A 228 -16.29 -2.91 -0.48
N VAL A 229 -16.58 -1.64 -0.17
CA VAL A 229 -16.24 -1.14 1.14
C VAL A 229 -17.09 -1.82 2.20
N ASN A 230 -18.39 -1.98 1.92
CA ASN A 230 -19.31 -2.55 2.91
C ASN A 230 -19.00 -4.00 3.21
N VAL A 231 -18.71 -4.80 2.18
CA VAL A 231 -18.24 -6.16 2.40
C VAL A 231 -17.06 -6.17 3.35
N GLN A 232 -16.10 -5.26 3.15
CA GLN A 232 -14.91 -5.28 3.98
C GLN A 232 -15.21 -4.85 5.42
N SER A 233 -16.06 -3.84 5.59
CA SER A 233 -16.41 -3.43 6.94
C SER A 233 -17.09 -4.56 7.71
N ARG A 234 -18.07 -5.21 7.06
CA ARG A 234 -18.74 -6.33 7.72
C ARG A 234 -17.75 -7.43 8.07
N LYS A 235 -16.78 -7.68 7.19
CA LYS A 235 -15.81 -8.72 7.49
C LYS A 235 -14.90 -8.30 8.65
N LEU A 236 -14.54 -7.01 8.73
CA LEU A 236 -13.79 -6.48 9.86
C LEU A 236 -14.59 -6.53 11.16
N LEU A 237 -15.87 -6.13 11.12
CA LEU A 237 -16.71 -6.17 12.30
C LEU A 237 -16.95 -7.59 12.77
N ALA A 238 -16.95 -8.56 11.85
CA ALA A 238 -17.24 -9.94 12.18
C ALA A 238 -16.07 -10.64 12.83
N ARG A 239 -14.89 -10.02 12.82
CA ARG A 239 -13.70 -10.60 13.41
C ARG A 239 -13.49 -10.15 14.86
N PHE A 240 -14.26 -9.16 15.33
CA PHE A 240 -14.21 -8.76 16.74
C PHE A 240 -14.68 -9.91 17.62
N GLY A 241 -13.79 -10.37 18.50
CA GLY A 241 -14.03 -11.53 19.32
C GLY A 241 -13.31 -12.78 18.86
N ASP A 242 -12.88 -12.82 17.59
CA ASP A 242 -12.02 -13.91 17.14
C ASP A 242 -10.72 -13.89 17.91
N GLN A 243 -10.25 -15.07 18.31
CA GLN A 243 -9.00 -15.19 19.05
C GLN A 243 -7.94 -15.98 18.30
N ARG A 244 -8.26 -16.57 17.16
CA ARG A 244 -7.25 -17.18 16.31
C ARG A 244 -6.15 -16.17 16.02
N GLY A 245 -4.94 -16.66 15.80
CA GLY A 245 -3.81 -15.82 15.51
C GLY A 245 -3.60 -15.64 14.02
N PRO A 246 -2.45 -15.10 13.64
CA PRO A 246 -2.13 -14.94 12.22
C PRO A 246 -1.76 -16.26 11.55
N ILE A 247 -1.87 -16.27 10.23
CA ILE A 247 -1.31 -17.35 9.41
C ILE A 247 0.06 -16.89 8.94
N ARG A 248 1.11 -17.58 9.38
CA ARG A 248 2.48 -17.20 9.02
C ARG A 248 2.89 -17.82 7.69
N VAL A 249 3.47 -17.01 6.82
CA VAL A 249 3.94 -17.48 5.51
C VAL A 249 5.36 -16.98 5.30
N PRO A 250 6.11 -17.62 4.39
CA PRO A 250 7.47 -17.14 4.11
C PRO A 250 7.47 -15.71 3.58
N GLU A 251 8.56 -15.00 3.87
CA GLU A 251 8.76 -13.66 3.34
C GLU A 251 9.19 -13.74 1.89
N MET A 252 8.87 -12.69 1.13
CA MET A 252 9.32 -12.61 -0.25
C MET A 252 10.84 -12.52 -0.30
N ASP A 253 11.46 -13.29 -1.18
CA ASP A 253 12.88 -13.18 -1.47
C ASP A 253 13.04 -12.98 -2.97
N LEU A 254 13.44 -11.78 -3.37
CA LEU A 254 13.54 -11.41 -4.77
C LEU A 254 14.88 -11.80 -5.38
N GLY A 255 15.81 -12.32 -4.59
CA GLY A 255 17.16 -12.49 -5.09
C GLY A 255 17.88 -11.15 -5.20
N VAL A 256 19.16 -11.20 -5.58
CA VAL A 256 20.01 -10.02 -5.66
C VAL A 256 20.61 -9.93 -7.05
N GLY A 257 21.12 -8.75 -7.36
CA GLY A 257 21.85 -8.52 -8.60
C GLY A 257 21.25 -7.39 -9.41
N THR A 258 21.96 -7.04 -10.48
CA THR A 258 21.54 -5.96 -11.33
C THR A 258 20.66 -6.48 -12.46
N ARG A 259 19.94 -5.55 -13.09
CA ARG A 259 19.19 -5.85 -14.30
C ARG A 259 19.64 -4.94 -15.45
#